data_1ISJ
#
_entry.id   1ISJ
#
_cell.length_a   58.804
_cell.length_b   112.590
_cell.length_c   129.881
_cell.angle_alpha   90.00
_cell.angle_beta   90.00
_cell.angle_gamma   90.00
#
_symmetry.space_group_name_H-M   'P 21 21 21'
#
loop_
_entity.id
_entity.type
_entity.pdbx_description
1 polymer 'bone marrow stromal cell antigen 1'
2 branched 2-acetamido-2-deoxy-beta-D-glucopyranose-(1-4)-2-acetamido-2-deoxy-beta-D-glucopyranose
3 non-polymer 'BETA-NICOTINAMIDE RIBOSE MONOPHOSPHATE'
4 water water
#
_entity_poly.entity_id   1
_entity_poly.type   'polypeptide(L)'
_entity_poly.pdbx_seq_one_letter_code
;RWRAEGTSAHLRDIFLGRCAEYRALLSPEQRNKDCTAIWEAFKVALDKDPCSVLPSDYDLFITLSRHSIPRDKSLFWENS
HLLVNSFADNTRRFMPLSDVLYGRVADFLSWCRQKADSGLDYQSCPTSEDCENNPVDSFWKRASIQYSKDSSGVIHVMLN
GSEPTGAYPIKGFFADYEIPNLQKEKITRIEIWVMHEIGGPNVESCGEGSMKVLEKRLKDMGFQYSCINDYRPVKLLQCV
DHSTHPDCALKSAAAATQRKAPSLY
;
_entity_poly.pdbx_strand_id   A,B
#
loop_
_chem_comp.id
_chem_comp.type
_chem_comp.name
_chem_comp.formula
NAG D-saccharide, beta linking 2-acetamido-2-deoxy-beta-D-glucopyranose 'C8 H15 N O6'
NMN non-polymer 'BETA-NICOTINAMIDE RIBOSE MONOPHOSPHATE' 'C11 H16 N2 O8 P 1'
#
# COMPACT_ATOMS: atom_id res chain seq x y z
N TRP A 2 -2.83 -31.37 -0.81
CA TRP A 2 -2.62 -30.15 0.01
C TRP A 2 -3.86 -29.26 -0.07
N ARG A 3 -4.39 -28.86 1.09
CA ARG A 3 -5.61 -28.05 1.14
C ARG A 3 -5.42 -26.52 1.23
N ALA A 4 -4.21 -26.03 1.00
CA ALA A 4 -3.97 -24.60 1.07
C ALA A 4 -3.52 -24.03 -0.27
N GLU A 5 -3.53 -22.71 -0.37
CA GLU A 5 -3.14 -21.99 -1.58
C GLU A 5 -1.76 -22.41 -2.09
N GLY A 6 -1.62 -22.49 -3.41
CA GLY A 6 -0.35 -22.87 -4.00
C GLY A 6 0.66 -21.72 -3.99
N THR A 7 1.90 -22.05 -4.34
CA THR A 7 2.97 -21.06 -4.36
C THR A 7 2.63 -19.84 -5.19
N SER A 8 2.91 -18.65 -4.63
CA SER A 8 2.64 -17.39 -5.31
C SER A 8 3.47 -17.30 -6.60
N ALA A 9 2.83 -16.91 -7.69
CA ALA A 9 3.51 -16.77 -8.97
C ALA A 9 4.53 -15.64 -8.85
N HIS A 10 5.68 -15.82 -9.49
CA HIS A 10 6.74 -14.80 -9.48
C HIS A 10 7.16 -14.45 -8.05
N LEU A 11 7.20 -15.47 -7.19
CA LEU A 11 7.58 -15.31 -5.80
C LEU A 11 8.87 -14.52 -5.63
N ARG A 12 9.91 -14.93 -6.36
CA ARG A 12 11.20 -14.25 -6.27
C ARG A 12 11.19 -12.76 -6.59
N ASP A 13 10.54 -12.37 -7.70
CA ASP A 13 10.50 -10.96 -8.07
C ASP A 13 9.76 -10.13 -7.04
N ILE A 14 8.64 -10.65 -6.55
CA ILE A 14 7.86 -9.94 -5.54
C ILE A 14 8.69 -9.75 -4.28
N PHE A 15 9.29 -10.85 -3.83
CA PHE A 15 10.14 -10.87 -2.65
C PHE A 15 11.23 -9.82 -2.76
N LEU A 16 12.01 -9.89 -3.85
CA LEU A 16 13.12 -8.95 -4.06
C LEU A 16 12.63 -7.51 -4.20
N GLY A 17 11.51 -7.34 -4.87
CA GLY A 17 10.96 -6.00 -5.04
C GLY A 17 10.58 -5.39 -3.71
N ARG A 18 9.80 -6.12 -2.92
CA ARG A 18 9.36 -5.62 -1.61
C ARG A 18 10.54 -5.35 -0.69
N CYS A 19 11.54 -6.22 -0.75
CA CYS A 19 12.72 -6.04 0.07
C CYS A 19 13.44 -4.74 -0.31
N ALA A 20 13.57 -4.49 -1.60
CA ALA A 20 14.23 -3.28 -2.09
C ALA A 20 13.49 -2.01 -1.69
N GLU A 21 12.16 -2.03 -1.77
CA GLU A 21 11.37 -0.85 -1.41
C GLU A 21 11.41 -0.63 0.09
N TYR A 22 11.39 -1.70 0.87
CA TYR A 22 11.41 -1.55 2.30
C TYR A 22 12.71 -0.92 2.78
N ARG A 23 13.83 -1.27 2.14
CA ARG A 23 15.13 -0.73 2.53
C ARG A 23 15.09 0.79 2.62
N ALA A 24 14.48 1.42 1.63
CA ALA A 24 14.38 2.87 1.62
C ALA A 24 13.71 3.39 2.89
N LEU A 25 12.95 2.54 3.56
CA LEU A 25 12.27 2.95 4.80
C LEU A 25 13.18 2.86 6.00
N LEU A 26 14.18 2.00 5.94
CA LEU A 26 15.13 1.87 7.04
C LEU A 26 16.02 3.10 7.10
N SER A 27 16.57 3.37 8.28
CA SER A 27 17.47 4.51 8.45
C SER A 27 18.79 4.10 7.81
N PRO A 28 19.61 5.07 7.42
CA PRO A 28 20.90 4.74 6.80
C PRO A 28 21.71 3.77 7.66
N GLU A 29 21.60 3.95 8.97
CA GLU A 29 22.32 3.13 9.93
C GLU A 29 21.94 1.63 9.86
N GLN A 30 20.73 1.34 9.40
CA GLN A 30 20.28 -0.05 9.30
C GLN A 30 19.94 -0.41 7.85
N ARG A 31 20.11 0.56 6.96
CA ARG A 31 19.81 0.41 5.53
C ARG A 31 20.68 -0.64 4.82
N ASN A 32 21.73 -1.09 5.50
CA ASN A 32 22.62 -2.07 4.90
C ASN A 32 22.09 -3.51 4.94
N LYS A 33 21.18 -3.81 4.04
CA LYS A 33 20.57 -5.14 3.93
C LYS A 33 20.79 -5.66 2.51
N ASP A 34 21.25 -6.89 2.38
CA ASP A 34 21.48 -7.48 1.05
C ASP A 34 20.26 -8.34 0.71
N CYS A 35 19.36 -7.78 -0.09
CA CYS A 35 18.14 -8.47 -0.46
C CYS A 35 18.34 -9.82 -1.14
N THR A 36 19.36 -9.91 -1.99
CA THR A 36 19.62 -11.17 -2.68
C THR A 36 20.04 -12.25 -1.68
N ALA A 37 20.81 -11.85 -0.67
CA ALA A 37 21.26 -12.81 0.36
C ALA A 37 20.08 -13.18 1.25
N ILE A 38 19.20 -12.21 1.50
CA ILE A 38 18.04 -12.44 2.34
C ILE A 38 17.12 -13.46 1.67
N TRP A 39 17.00 -13.36 0.34
CA TRP A 39 16.18 -14.29 -0.42
C TRP A 39 16.82 -15.69 -0.45
N GLU A 40 18.14 -15.75 -0.55
CA GLU A 40 18.83 -17.03 -0.59
C GLU A 40 18.63 -17.78 0.73
N ALA A 41 18.69 -17.05 1.84
CA ALA A 41 18.50 -17.66 3.15
C ALA A 41 17.06 -18.15 3.28
N PHE A 42 16.13 -17.38 2.72
CA PHE A 42 14.72 -17.72 2.76
C PHE A 42 14.39 -18.97 1.94
N LYS A 43 14.94 -19.05 0.72
CA LYS A 43 14.65 -20.17 -0.16
C LYS A 43 15.15 -21.53 0.30
N VAL A 44 15.78 -21.59 1.46
CA VAL A 44 16.27 -22.86 1.95
C VAL A 44 15.08 -23.77 2.24
N ALA A 45 13.96 -23.18 2.63
CA ALA A 45 12.75 -23.94 2.94
C ALA A 45 12.13 -24.53 1.67
N LEU A 46 12.53 -24.00 0.52
CA LEU A 46 12.00 -24.47 -0.74
C LEU A 46 12.84 -25.62 -1.30
N ASP A 47 13.85 -26.04 -0.55
CA ASP A 47 14.70 -27.15 -0.97
C ASP A 47 14.34 -28.36 -0.14
N LYS A 48 13.42 -28.18 0.80
CA LYS A 48 13.00 -29.26 1.69
C LYS A 48 11.63 -29.83 1.42
N ASP A 49 11.36 -30.97 2.04
CA ASP A 49 10.08 -31.63 1.92
C ASP A 49 9.06 -30.66 2.52
N PRO A 50 7.97 -30.37 1.78
CA PRO A 50 6.92 -29.45 2.22
C PRO A 50 6.28 -29.75 3.58
N CYS A 51 6.75 -30.79 4.25
CA CYS A 51 6.21 -31.12 5.57
C CYS A 51 7.32 -31.30 6.58
N SER A 52 8.53 -30.88 6.20
CA SER A 52 9.69 -31.03 7.08
C SER A 52 10.44 -29.72 7.32
N VAL A 53 9.73 -28.60 7.28
CA VAL A 53 10.34 -27.30 7.51
C VAL A 53 10.09 -26.82 8.94
N LEU A 54 11.16 -26.50 9.65
CA LEU A 54 11.04 -26.04 11.04
C LEU A 54 11.27 -24.52 11.15
N PRO A 55 10.76 -23.89 12.21
CA PRO A 55 10.94 -22.45 12.41
C PRO A 55 12.42 -22.07 12.40
N SER A 56 13.25 -22.91 13.03
CA SER A 56 14.68 -22.66 13.10
C SER A 56 15.35 -22.64 11.73
N ASP A 57 14.72 -23.25 10.72
CA ASP A 57 15.29 -23.24 9.38
C ASP A 57 15.44 -21.80 8.85
N TYR A 58 14.57 -20.90 9.31
CA TYR A 58 14.62 -19.52 8.88
C TYR A 58 15.48 -18.63 9.79
N ASP A 59 16.30 -19.24 10.65
CA ASP A 59 17.14 -18.47 11.55
C ASP A 59 18.09 -17.53 10.82
N LEU A 60 18.73 -18.04 9.77
CA LEU A 60 19.68 -17.24 9.01
C LEU A 60 18.94 -16.08 8.37
N PHE A 61 17.80 -16.39 7.77
CA PHE A 61 16.97 -15.38 7.13
C PHE A 61 16.72 -14.24 8.11
N ILE A 62 16.31 -14.58 9.33
CA ILE A 62 16.04 -13.55 10.33
C ILE A 62 17.29 -12.75 10.69
N THR A 63 18.41 -13.45 10.82
CA THR A 63 19.66 -12.78 11.16
C THR A 63 20.01 -11.74 10.10
N LEU A 64 19.71 -12.04 8.84
CA LEU A 64 20.03 -11.12 7.77
C LEU A 64 19.04 -9.96 7.57
N SER A 65 17.80 -10.13 8.03
CA SER A 65 16.78 -9.10 7.84
C SER A 65 16.37 -8.38 9.11
N ARG A 66 16.75 -8.94 10.26
CA ARG A 66 16.38 -8.33 11.53
C ARG A 66 16.81 -6.87 11.63
N HIS A 67 15.91 -6.06 12.20
CA HIS A 67 16.18 -4.64 12.45
C HIS A 67 15.29 -4.26 13.61
N SER A 68 15.64 -3.18 14.30
CA SER A 68 14.87 -2.78 15.47
C SER A 68 13.50 -2.20 15.13
N ILE A 69 12.61 -2.30 16.10
CA ILE A 69 11.26 -1.79 15.98
C ILE A 69 11.12 -0.64 16.97
N PRO A 70 10.62 0.52 16.51
CA PRO A 70 10.46 1.67 17.39
C PRO A 70 9.54 1.38 18.57
N ARG A 71 9.90 1.94 19.73
CA ARG A 71 9.13 1.77 20.96
C ARG A 71 7.74 2.36 20.74
N ASP A 72 6.72 1.67 21.28
CA ASP A 72 5.34 2.11 21.18
C ASP A 72 4.74 1.99 19.77
N LYS A 73 5.46 1.35 18.85
CA LYS A 73 4.96 1.22 17.49
C LYS A 73 4.48 -0.19 17.10
N SER A 74 4.71 -1.17 17.96
CA SER A 74 4.29 -2.53 17.65
C SER A 74 2.77 -2.69 17.71
N LEU A 75 2.23 -3.38 16.70
CA LEU A 75 0.80 -3.61 16.61
C LEU A 75 0.52 -5.06 16.28
N PHE A 76 -0.03 -5.80 17.24
CA PHE A 76 -0.36 -7.21 17.04
C PHE A 76 -1.82 -7.30 16.63
N TRP A 77 -2.26 -8.46 16.17
CA TRP A 77 -3.65 -8.58 15.75
C TRP A 77 -4.12 -10.00 15.49
N GLU A 78 -5.42 -10.12 15.23
CA GLU A 78 -6.06 -11.40 14.92
C GLU A 78 -7.34 -11.10 14.15
N ASN A 79 -7.53 -11.76 13.01
CA ASN A 79 -8.74 -11.58 12.22
C ASN A 79 -9.02 -10.16 11.71
N SER A 80 -7.97 -9.45 11.32
CA SER A 80 -8.13 -8.10 10.79
C SER A 80 -6.90 -7.69 9.96
N HIS A 81 -6.38 -8.65 9.20
CA HIS A 81 -5.19 -8.44 8.39
C HIS A 81 -5.21 -7.17 7.54
N LEU A 82 -6.18 -7.06 6.65
CA LEU A 82 -6.28 -5.89 5.77
C LEU A 82 -6.43 -4.56 6.49
N LEU A 83 -7.23 -4.55 7.54
CA LEU A 83 -7.47 -3.33 8.30
C LEU A 83 -6.18 -2.90 9.02
N VAL A 84 -5.44 -3.85 9.55
CA VAL A 84 -4.17 -3.53 10.20
C VAL A 84 -3.21 -2.90 9.19
N ASN A 85 -3.09 -3.50 8.01
CA ASN A 85 -2.20 -2.96 6.97
C ASN A 85 -2.60 -1.55 6.51
N SER A 86 -3.89 -1.32 6.33
CA SER A 86 -4.35 0.00 5.89
C SER A 86 -4.16 1.02 7.00
N PHE A 87 -4.37 0.61 8.24
CA PHE A 87 -4.22 1.53 9.34
C PHE A 87 -2.76 1.86 9.58
N ALA A 88 -1.92 0.83 9.61
CA ALA A 88 -0.48 1.01 9.82
C ALA A 88 0.07 1.96 8.74
N ASP A 89 -0.50 1.87 7.55
CA ASP A 89 -0.13 2.74 6.45
C ASP A 89 1.37 2.82 6.14
N ASN A 90 1.95 1.69 5.78
CA ASN A 90 3.36 1.62 5.41
C ASN A 90 4.37 2.16 6.44
N THR A 91 4.08 1.88 7.72
CA THR A 91 4.89 2.29 8.88
C THR A 91 4.63 3.71 9.41
N ARG A 92 3.89 4.51 8.68
CA ARG A 92 3.62 5.88 9.12
C ARG A 92 2.86 5.97 10.45
N ARG A 93 1.88 5.11 10.67
CA ARG A 93 1.14 5.14 11.93
C ARG A 93 1.68 4.12 12.93
N PHE A 94 1.77 2.86 12.51
CA PHE A 94 2.30 1.82 13.39
C PHE A 94 3.17 0.88 12.58
N MET A 95 3.85 -0.04 13.26
CA MET A 95 4.70 -0.97 12.55
C MET A 95 4.41 -2.43 12.86
N PRO A 96 3.32 -2.97 12.30
CA PRO A 96 2.96 -4.37 12.54
C PRO A 96 4.00 -5.26 11.85
N LEU A 97 3.95 -6.56 12.12
CA LEU A 97 4.89 -7.51 11.52
C LEU A 97 4.98 -7.37 9.99
N SER A 98 3.84 -7.17 9.34
CA SER A 98 3.82 -7.02 7.89
C SER A 98 4.57 -5.76 7.45
N ASP A 99 4.85 -4.87 8.39
CA ASP A 99 5.57 -3.63 8.09
C ASP A 99 6.99 -3.63 8.65
N VAL A 100 7.49 -4.83 8.92
CA VAL A 100 8.86 -5.01 9.41
C VAL A 100 9.48 -5.76 8.23
N LEU A 101 10.77 -5.58 7.99
CA LEU A 101 11.41 -6.24 6.84
C LEU A 101 11.11 -7.71 6.63
N TYR A 102 11.38 -8.54 7.63
CA TYR A 102 11.14 -9.97 7.48
C TYR A 102 9.68 -10.36 7.32
N GLY A 103 8.75 -9.51 7.76
CA GLY A 103 7.36 -9.85 7.60
C GLY A 103 6.85 -9.31 6.28
N ARG A 104 7.36 -8.15 5.91
CA ARG A 104 6.99 -7.46 4.69
C ARG A 104 7.23 -8.26 3.41
N VAL A 105 8.36 -8.94 3.33
CA VAL A 105 8.68 -9.69 2.13
C VAL A 105 7.78 -10.88 1.86
N ALA A 106 7.10 -11.38 2.89
CA ALA A 106 6.24 -12.54 2.72
C ALA A 106 4.75 -12.29 2.90
N ASP A 107 4.39 -11.11 3.40
CA ASP A 107 2.98 -10.76 3.64
C ASP A 107 2.04 -11.21 2.53
N PHE A 108 1.05 -12.04 2.89
CA PHE A 108 0.05 -12.55 1.94
C PHE A 108 0.55 -13.55 0.91
N LEU A 109 1.85 -13.85 0.94
CA LEU A 109 2.38 -14.79 -0.03
C LEU A 109 2.24 -16.23 0.44
N SER A 110 2.46 -17.15 -0.49
CA SER A 110 2.37 -18.57 -0.21
C SER A 110 3.53 -19.28 -0.91
N TRP A 111 4.02 -20.38 -0.33
CA TRP A 111 5.14 -21.09 -0.94
C TRP A 111 5.39 -22.48 -0.34
N CYS A 112 5.95 -23.37 -1.15
CA CYS A 112 6.29 -24.72 -0.74
C CYS A 112 6.85 -25.48 -1.92
N ARG A 113 7.76 -26.42 -1.64
CA ARG A 113 8.37 -27.23 -2.69
C ARG A 113 7.39 -28.36 -3.02
N GLN A 114 7.53 -28.94 -4.21
CA GLN A 114 6.66 -30.04 -4.60
C GLN A 114 7.07 -31.24 -3.75
N LYS A 115 6.10 -32.09 -3.43
CA LYS A 115 6.34 -33.25 -2.59
C LYS A 115 7.49 -34.17 -3.01
N ALA A 116 7.49 -34.60 -4.28
CA ALA A 116 8.53 -35.50 -4.76
C ALA A 116 9.53 -34.88 -5.75
N ASP A 117 9.28 -33.65 -6.18
CA ASP A 117 10.17 -32.99 -7.12
C ASP A 117 10.88 -31.79 -6.49
N SER A 118 11.89 -31.27 -7.17
CA SER A 118 12.66 -30.14 -6.68
C SER A 118 12.01 -28.77 -6.95
N GLY A 119 11.08 -28.75 -7.91
CA GLY A 119 10.42 -27.50 -8.24
C GLY A 119 9.38 -27.07 -7.23
N LEU A 120 8.96 -25.80 -7.35
CA LEU A 120 7.95 -25.25 -6.45
C LEU A 120 6.57 -25.77 -6.84
N ASP A 121 5.71 -25.95 -5.85
CA ASP A 121 4.35 -26.44 -6.09
C ASP A 121 3.38 -25.27 -6.23
N TYR A 122 2.96 -24.98 -7.45
CA TYR A 122 2.02 -23.89 -7.68
C TYR A 122 0.57 -24.34 -7.62
N GLN A 123 0.38 -25.64 -7.42
CA GLN A 123 -0.97 -26.20 -7.34
C GLN A 123 -1.55 -25.99 -5.95
N SER A 124 -0.77 -26.34 -4.93
CA SER A 124 -1.23 -26.17 -3.56
C SER A 124 -0.09 -26.35 -2.56
N CYS A 125 -0.36 -26.03 -1.31
CA CYS A 125 0.62 -26.15 -0.23
C CYS A 125 -0.09 -26.64 1.02
N PRO A 126 0.61 -27.45 1.84
CA PRO A 126 0.03 -27.98 3.07
C PRO A 126 -0.45 -26.96 4.10
N THR A 127 -1.56 -27.31 4.75
CA THR A 127 -2.15 -26.48 5.79
C THR A 127 -1.68 -27.13 7.07
N SER A 128 -1.96 -26.51 8.22
CA SER A 128 -1.54 -27.10 9.48
C SER A 128 -2.19 -28.46 9.67
N GLU A 129 -3.32 -28.66 8.99
CA GLU A 129 -4.07 -29.90 9.06
C GLU A 129 -3.39 -31.00 8.26
N ASP A 130 -2.82 -30.64 7.10
CA ASP A 130 -2.13 -31.63 6.27
C ASP A 130 -0.87 -32.09 7.01
N CYS A 131 -0.15 -31.13 7.59
CA CYS A 131 1.05 -31.41 8.37
C CYS A 131 1.49 -30.15 9.10
N GLU A 132 1.99 -30.33 10.32
CA GLU A 132 2.42 -29.24 11.18
C GLU A 132 3.61 -28.42 10.70
N ASN A 133 4.64 -29.08 10.18
CA ASN A 133 5.83 -28.37 9.75
C ASN A 133 5.89 -27.93 8.30
N ASN A 134 4.88 -27.18 7.84
CA ASN A 134 4.88 -26.69 6.46
C ASN A 134 5.68 -25.37 6.42
N PRO A 135 6.19 -24.99 5.25
CA PRO A 135 6.98 -23.75 5.09
C PRO A 135 6.36 -22.44 5.57
N VAL A 136 5.09 -22.22 5.25
CA VAL A 136 4.41 -20.99 5.63
C VAL A 136 4.22 -20.86 7.14
N ASP A 137 3.65 -21.88 7.77
CA ASP A 137 3.42 -21.83 9.21
C ASP A 137 4.71 -21.69 9.98
N SER A 138 5.72 -22.46 9.61
CA SER A 138 7.00 -22.38 10.30
C SER A 138 7.64 -21.01 10.13
N PHE A 139 7.39 -20.37 8.99
CA PHE A 139 7.92 -19.05 8.73
C PHE A 139 7.32 -18.03 9.69
N TRP A 140 5.99 -18.02 9.76
CA TRP A 140 5.32 -17.06 10.62
C TRP A 140 5.56 -17.27 12.11
N LYS A 141 5.81 -18.51 12.51
CA LYS A 141 6.11 -18.80 13.91
C LYS A 141 7.44 -18.13 14.24
N ARG A 142 8.45 -18.34 13.38
CA ARG A 142 9.75 -17.75 13.60
C ARG A 142 9.70 -16.23 13.55
N ALA A 143 9.02 -15.69 12.55
CA ALA A 143 8.93 -14.25 12.40
C ALA A 143 8.13 -13.61 13.55
N SER A 144 7.00 -14.21 13.93
CA SER A 144 6.22 -13.61 15.01
C SER A 144 6.99 -13.70 16.32
N ILE A 145 7.77 -14.75 16.51
CA ILE A 145 8.56 -14.86 17.73
C ILE A 145 9.55 -13.69 17.79
N GLN A 146 10.26 -13.45 16.69
CA GLN A 146 11.24 -12.36 16.65
C GLN A 146 10.59 -11.00 16.85
N TYR A 147 9.43 -10.80 16.22
CA TYR A 147 8.71 -9.54 16.34
C TYR A 147 8.31 -9.25 17.80
N SER A 148 7.85 -10.29 18.50
CA SER A 148 7.47 -10.13 19.91
C SER A 148 8.67 -9.77 20.77
N LYS A 149 9.77 -10.51 20.59
CA LYS A 149 10.98 -10.26 21.37
C LYS A 149 11.55 -8.86 21.22
N ASP A 150 11.44 -8.29 20.02
CA ASP A 150 11.98 -6.96 19.79
C ASP A 150 11.02 -5.80 20.01
N SER A 151 9.80 -6.12 20.45
CA SER A 151 8.80 -5.08 20.72
C SER A 151 9.01 -4.50 22.11
N SER A 152 8.71 -3.23 22.30
CA SER A 152 8.86 -2.59 23.59
C SER A 152 7.95 -1.37 23.74
N GLY A 153 7.80 -0.90 24.98
CA GLY A 153 6.97 0.26 25.24
C GLY A 153 5.50 -0.13 25.29
N VAL A 154 4.65 0.68 24.69
CA VAL A 154 3.22 0.40 24.66
C VAL A 154 2.93 -0.58 23.53
N ILE A 155 2.35 -1.73 23.89
CA ILE A 155 2.00 -2.78 22.95
C ILE A 155 0.54 -2.66 22.54
N HIS A 156 0.28 -2.50 21.25
CA HIS A 156 -1.10 -2.38 20.77
C HIS A 156 -1.53 -3.67 20.10
N VAL A 157 -2.81 -4.00 20.20
CA VAL A 157 -3.37 -5.22 19.63
C VAL A 157 -4.74 -4.92 19.03
N MET A 158 -4.95 -5.31 17.77
CA MET A 158 -6.25 -5.10 17.13
C MET A 158 -6.94 -6.44 16.99
N LEU A 159 -8.16 -6.54 17.52
CA LEU A 159 -8.92 -7.79 17.44
C LEU A 159 -10.24 -7.53 16.73
N ASN A 160 -10.84 -8.60 16.22
CA ASN A 160 -12.10 -8.48 15.50
C ASN A 160 -13.30 -8.88 16.37
N GLY A 161 -14.07 -7.89 16.80
CA GLY A 161 -15.23 -8.15 17.65
C GLY A 161 -16.45 -8.66 16.91
N SER A 162 -16.33 -8.83 15.60
CA SER A 162 -17.42 -9.34 14.78
C SER A 162 -17.13 -10.76 14.31
N GLU A 163 -15.98 -11.30 14.69
CA GLU A 163 -15.58 -12.66 14.32
C GLU A 163 -16.42 -13.67 15.13
N PRO A 164 -17.16 -14.56 14.43
CA PRO A 164 -18.04 -15.59 14.99
C PRO A 164 -17.43 -16.50 16.06
N THR A 165 -16.12 -16.69 16.00
CA THR A 165 -15.45 -17.54 16.98
C THR A 165 -14.89 -16.75 18.15
N GLY A 166 -15.22 -15.46 18.22
CA GLY A 166 -14.72 -14.64 19.30
C GLY A 166 -13.57 -13.75 18.86
N ALA A 167 -13.25 -12.75 19.69
CA ALA A 167 -12.18 -11.81 19.37
C ALA A 167 -10.79 -12.39 19.60
N TYR A 168 -10.67 -13.31 20.54
CA TYR A 168 -9.38 -13.92 20.88
C TYR A 168 -9.33 -15.43 20.67
N PRO A 169 -8.64 -15.88 19.61
CA PRO A 169 -8.55 -17.33 19.35
C PRO A 169 -7.40 -17.89 20.21
N ILE A 170 -7.74 -18.74 21.18
CA ILE A 170 -6.73 -19.29 22.08
C ILE A 170 -5.61 -20.09 21.44
N LYS A 171 -5.78 -20.50 20.18
CA LYS A 171 -4.76 -21.27 19.50
C LYS A 171 -4.08 -20.54 18.33
N GLY A 172 -4.25 -19.23 18.28
CA GLY A 172 -3.65 -18.46 17.20
C GLY A 172 -2.19 -18.13 17.42
N PHE A 173 -1.57 -17.46 16.44
CA PHE A 173 -0.17 -17.08 16.54
C PHE A 173 0.03 -16.11 17.70
N PHE A 174 -0.95 -15.26 17.92
CA PHE A 174 -0.85 -14.29 19.00
C PHE A 174 -0.79 -14.97 20.36
N ALA A 175 -1.66 -15.95 20.56
CA ALA A 175 -1.72 -16.67 21.83
C ALA A 175 -0.52 -17.60 22.06
N ASP A 176 -0.15 -18.39 21.05
CA ASP A 176 0.94 -19.35 21.21
C ASP A 176 2.35 -18.93 20.87
N TYR A 177 2.54 -17.86 20.10
CA TYR A 177 3.89 -17.48 19.74
C TYR A 177 4.30 -16.05 20.06
N GLU A 178 3.34 -15.17 20.28
CA GLU A 178 3.69 -13.79 20.57
C GLU A 178 3.56 -13.41 22.04
N ILE A 179 2.42 -13.70 22.65
CA ILE A 179 2.25 -13.37 24.06
C ILE A 179 3.39 -13.96 24.90
N PRO A 180 3.73 -15.25 24.70
CA PRO A 180 4.81 -15.91 25.45
C PRO A 180 6.20 -15.33 25.24
N ASN A 181 6.38 -14.55 24.17
CA ASN A 181 7.68 -13.99 23.88
C ASN A 181 7.85 -12.50 24.14
N LEU A 182 6.83 -11.88 24.72
CA LEU A 182 6.93 -10.46 25.05
C LEU A 182 7.89 -10.34 26.23
N GLN A 183 8.79 -9.35 26.16
CA GLN A 183 9.76 -9.11 27.24
C GLN A 183 9.14 -8.11 28.22
N LYS A 184 8.53 -8.64 29.28
CA LYS A 184 7.87 -7.82 30.30
C LYS A 184 8.67 -6.59 30.74
N GLU A 185 9.99 -6.75 30.86
CA GLU A 185 10.84 -5.64 31.32
C GLU A 185 10.90 -4.47 30.35
N LYS A 186 10.55 -4.71 29.09
CA LYS A 186 10.59 -3.67 28.06
C LYS A 186 9.20 -3.14 27.73
N ILE A 187 8.18 -3.73 28.33
CA ILE A 187 6.81 -3.33 28.03
C ILE A 187 6.16 -2.46 29.10
N THR A 188 5.66 -1.30 28.65
CA THR A 188 5.00 -0.37 29.54
C THR A 188 3.62 -0.89 29.88
N ARG A 189 2.81 -1.12 28.84
CA ARG A 189 1.46 -1.63 28.99
C ARG A 189 0.97 -2.24 27.67
N ILE A 190 -0.17 -2.93 27.74
CA ILE A 190 -0.78 -3.55 26.56
C ILE A 190 -2.16 -2.95 26.38
N GLU A 191 -2.45 -2.49 25.16
CA GLU A 191 -3.72 -1.87 24.86
C GLU A 191 -4.44 -2.61 23.73
N ILE A 192 -5.62 -3.14 24.03
CA ILE A 192 -6.39 -3.88 23.05
C ILE A 192 -7.44 -3.01 22.35
N TRP A 193 -7.63 -3.23 21.06
CA TRP A 193 -8.64 -2.50 20.29
C TRP A 193 -9.58 -3.57 19.75
N VAL A 194 -10.82 -3.59 20.23
CA VAL A 194 -11.80 -4.56 19.76
C VAL A 194 -12.69 -3.86 18.73
N MET A 195 -12.45 -4.15 17.46
CA MET A 195 -13.18 -3.52 16.37
C MET A 195 -14.37 -4.32 15.88
N HIS A 196 -15.47 -3.61 15.61
CA HIS A 196 -16.70 -4.21 15.11
C HIS A 196 -16.94 -3.68 13.70
N GLU A 197 -17.54 -4.50 12.84
CA GLU A 197 -17.86 -4.09 11.49
C GLU A 197 -18.94 -3.00 11.56
N ILE A 198 -18.89 -2.05 10.64
CA ILE A 198 -19.90 -1.00 10.62
C ILE A 198 -21.26 -1.68 10.49
N GLY A 199 -22.14 -1.43 11.46
CA GLY A 199 -23.44 -2.08 11.43
C GLY A 199 -23.26 -3.57 11.68
N GLY A 200 -22.07 -4.08 11.36
CA GLY A 200 -21.74 -5.48 11.52
C GLY A 200 -22.10 -6.00 12.90
N PRO A 201 -22.05 -7.33 13.11
CA PRO A 201 -22.38 -7.98 14.38
C PRO A 201 -21.40 -7.78 15.53
N ASN A 202 -21.95 -7.50 16.70
CA ASN A 202 -21.15 -7.32 17.90
C ASN A 202 -21.09 -8.66 18.63
N VAL A 203 -20.32 -9.60 18.10
CA VAL A 203 -20.19 -10.92 18.71
C VAL A 203 -19.59 -10.80 20.10
N GLU A 204 -18.51 -10.04 20.23
CA GLU A 204 -17.85 -9.83 21.52
C GLU A 204 -17.31 -8.41 21.66
N SER A 205 -17.40 -7.87 22.87
CA SER A 205 -16.89 -6.54 23.17
C SER A 205 -15.92 -6.72 24.32
N CYS A 206 -15.20 -5.67 24.69
CA CYS A 206 -14.24 -5.74 25.78
C CYS A 206 -14.87 -6.39 27.03
N GLY A 207 -14.11 -7.29 27.65
CA GLY A 207 -14.57 -7.95 28.86
C GLY A 207 -15.60 -9.04 28.70
N GLU A 208 -15.88 -9.47 27.47
CA GLU A 208 -16.85 -10.53 27.24
C GLU A 208 -16.20 -11.75 26.60
N GLY A 209 -16.80 -12.92 26.82
CA GLY A 209 -16.31 -14.16 26.26
C GLY A 209 -14.80 -14.33 26.23
N SER A 210 -14.26 -14.64 25.05
CA SER A 210 -12.82 -14.86 24.91
C SER A 210 -11.99 -13.66 25.37
N MET A 211 -12.57 -12.47 25.35
CA MET A 211 -11.85 -11.29 25.79
C MET A 211 -11.55 -11.36 27.29
N LYS A 212 -12.32 -12.15 28.03
CA LYS A 212 -12.08 -12.32 29.46
C LYS A 212 -10.89 -13.24 29.65
N VAL A 213 -10.77 -14.25 28.78
CA VAL A 213 -9.67 -15.19 28.84
C VAL A 213 -8.35 -14.47 28.60
N LEU A 214 -8.34 -13.58 27.62
CA LEU A 214 -7.14 -12.82 27.27
C LEU A 214 -6.74 -11.87 28.39
N GLU A 215 -7.69 -11.10 28.87
CA GLU A 215 -7.41 -10.15 29.95
C GLU A 215 -6.84 -10.87 31.17
N LYS A 216 -7.45 -11.99 31.55
CA LYS A 216 -6.98 -12.75 32.69
C LYS A 216 -5.54 -13.23 32.48
N ARG A 217 -5.22 -13.70 31.27
CA ARG A 217 -3.88 -14.18 31.01
C ARG A 217 -2.87 -13.05 31.14
N LEU A 218 -3.16 -11.92 30.50
CA LEU A 218 -2.28 -10.78 30.53
C LEU A 218 -2.07 -10.22 31.94
N LYS A 219 -3.14 -10.07 32.70
CA LYS A 219 -3.01 -9.57 34.07
C LYS A 219 -2.26 -10.58 34.93
N ASP A 220 -2.58 -11.87 34.77
CA ASP A 220 -1.89 -12.90 35.54
C ASP A 220 -0.39 -12.86 35.25
N MET A 221 -0.04 -12.50 34.02
CA MET A 221 1.36 -12.42 33.62
C MET A 221 2.02 -11.16 34.16
N GLY A 222 1.23 -10.31 34.79
CA GLY A 222 1.75 -9.08 35.37
C GLY A 222 1.72 -7.85 34.49
N PHE A 223 1.07 -7.93 33.33
CA PHE A 223 1.03 -6.78 32.43
C PHE A 223 -0.03 -5.75 32.83
N GLN A 224 0.24 -4.48 32.58
CA GLN A 224 -0.75 -3.46 32.83
C GLN A 224 -1.61 -3.65 31.58
N TYR A 225 -2.92 -3.74 31.76
CA TYR A 225 -3.84 -4.02 30.65
C TYR A 225 -4.87 -2.91 30.40
N SER A 226 -5.37 -2.84 29.17
CA SER A 226 -6.36 -1.84 28.76
C SER A 226 -7.08 -2.30 27.50
N CYS A 227 -8.39 -2.04 27.42
CA CYS A 227 -9.18 -2.48 26.27
C CYS A 227 -10.12 -1.37 25.79
N ILE A 228 -10.17 -1.16 24.47
CA ILE A 228 -11.01 -0.12 23.90
C ILE A 228 -11.87 -0.66 22.75
N ASN A 229 -13.19 -0.50 22.85
CA ASN A 229 -14.08 -0.95 21.79
C ASN A 229 -14.08 0.09 20.68
N ASP A 230 -13.87 -0.35 19.45
CA ASP A 230 -13.89 0.55 18.31
C ASP A 230 -13.04 1.81 18.41
N TYR A 231 -11.76 1.62 18.68
CA TYR A 231 -10.79 2.71 18.77
C TYR A 231 -11.10 3.67 17.61
N ARG A 232 -11.45 4.91 17.96
CA ARG A 232 -11.86 5.94 16.99
C ARG A 232 -11.07 6.08 15.68
N PRO A 233 -9.74 6.19 15.75
CA PRO A 233 -8.97 6.34 14.50
C PRO A 233 -9.25 5.20 13.49
N VAL A 234 -9.33 3.96 14.00
CA VAL A 234 -9.60 2.81 13.14
C VAL A 234 -11.05 2.82 12.68
N LYS A 235 -11.95 3.30 13.54
CA LYS A 235 -13.37 3.36 13.19
C LYS A 235 -13.54 4.33 12.02
N LEU A 236 -12.81 5.44 12.08
CA LEU A 236 -12.86 6.43 11.02
C LEU A 236 -12.41 5.79 9.70
N LEU A 237 -11.39 4.95 9.77
CA LEU A 237 -10.90 4.29 8.57
C LEU A 237 -11.96 3.31 8.04
N GLN A 238 -12.62 2.59 8.95
CA GLN A 238 -13.66 1.66 8.52
C GLN A 238 -14.79 2.45 7.88
N CYS A 239 -15.02 3.65 8.40
CA CYS A 239 -16.08 4.50 7.90
C CYS A 239 -15.91 5.01 6.47
N VAL A 240 -14.66 5.03 5.99
CA VAL A 240 -14.38 5.51 4.64
C VAL A 240 -15.25 4.77 3.63
N ASP A 241 -15.62 3.54 3.95
CA ASP A 241 -16.45 2.73 3.06
C ASP A 241 -17.93 2.70 3.43
N HIS A 242 -18.32 3.45 4.45
CA HIS A 242 -19.72 3.47 4.87
C HIS A 242 -20.08 4.88 5.31
N SER A 243 -19.71 5.86 4.48
CA SER A 243 -19.94 7.27 4.79
C SER A 243 -21.37 7.70 5.05
N THR A 244 -22.35 7.02 4.47
CA THR A 244 -23.75 7.39 4.65
C THR A 244 -24.44 6.58 5.76
N HIS A 245 -23.67 5.83 6.52
CA HIS A 245 -24.22 5.01 7.59
C HIS A 245 -24.23 5.76 8.92
N PRO A 246 -25.33 5.61 9.71
CA PRO A 246 -25.43 6.31 11.00
C PRO A 246 -24.20 6.19 11.89
N ASP A 247 -23.57 5.01 11.91
CA ASP A 247 -22.37 4.82 12.74
C ASP A 247 -21.28 5.80 12.32
N CYS A 248 -21.33 6.23 11.08
CA CYS A 248 -20.32 7.12 10.53
C CYS A 248 -20.71 8.58 10.27
N ALA A 249 -21.85 9.00 10.79
CA ALA A 249 -22.29 10.38 10.60
C ALA A 249 -21.44 11.35 11.42
N LEU A 250 -21.03 12.45 10.79
CA LEU A 250 -20.21 13.46 11.46
C LEU A 250 -21.05 14.57 12.09
N LYS A 251 -20.55 15.13 13.18
CA LYS A 251 -21.24 16.23 13.85
C LYS A 251 -21.08 17.48 12.97
N TRP B 2 21.84 19.12 -12.60
CA TRP B 2 20.56 18.43 -12.28
C TRP B 2 20.12 18.76 -10.87
N ARG B 3 18.90 19.28 -10.74
CA ARG B 3 18.36 19.66 -9.44
C ARG B 3 17.49 18.58 -8.77
N ALA B 4 16.99 17.63 -9.56
CA ALA B 4 16.14 16.56 -9.01
C ALA B 4 16.94 15.37 -8.51
N GLU B 5 16.32 14.59 -7.62
CA GLU B 5 16.99 13.42 -7.05
C GLU B 5 17.39 12.40 -8.11
N GLY B 6 18.46 11.66 -7.82
CA GLY B 6 18.95 10.66 -8.75
C GLY B 6 18.01 9.50 -8.92
N THR B 7 18.36 8.56 -9.79
CA THR B 7 17.51 7.41 -10.02
C THR B 7 17.42 6.57 -8.75
N SER B 8 16.22 6.07 -8.47
CA SER B 8 15.97 5.24 -7.31
C SER B 8 16.90 4.03 -7.33
N ALA B 9 17.43 3.68 -6.16
CA ALA B 9 18.32 2.53 -6.05
C ALA B 9 17.50 1.26 -6.25
N HIS B 10 18.08 0.28 -6.95
CA HIS B 10 17.41 -0.98 -7.21
C HIS B 10 16.14 -0.78 -8.03
N LEU B 11 16.20 0.19 -8.92
CA LEU B 11 15.09 0.53 -9.80
C LEU B 11 14.52 -0.68 -10.51
N ARG B 12 15.38 -1.58 -10.98
CA ARG B 12 14.91 -2.75 -11.71
C ARG B 12 14.15 -3.73 -10.81
N ASP B 13 14.70 -4.03 -9.63
CA ASP B 13 14.03 -4.96 -8.73
C ASP B 13 12.66 -4.41 -8.32
N ILE B 14 12.59 -3.12 -8.02
CA ILE B 14 11.34 -2.49 -7.62
C ILE B 14 10.31 -2.55 -8.75
N PHE B 15 10.75 -2.17 -9.94
CA PHE B 15 9.93 -2.15 -11.14
C PHE B 15 9.29 -3.52 -11.37
N LEU B 16 10.14 -4.54 -11.47
CA LEU B 16 9.67 -5.91 -11.71
C LEU B 16 8.83 -6.40 -10.55
N GLY B 17 9.19 -5.99 -9.34
CA GLY B 17 8.43 -6.41 -8.18
C GLY B 17 7.01 -5.89 -8.24
N ARG B 18 6.89 -4.60 -8.51
CA ARG B 18 5.58 -3.97 -8.62
C ARG B 18 4.79 -4.54 -9.77
N CYS B 19 5.47 -4.76 -10.89
CA CYS B 19 4.84 -5.32 -12.06
C CYS B 19 4.28 -6.72 -11.75
N ALA B 20 5.11 -7.55 -11.13
CA ALA B 20 4.68 -8.90 -10.78
C ALA B 20 3.45 -8.87 -9.88
N GLU B 21 3.44 -7.97 -8.89
CA GLU B 21 2.30 -7.89 -7.98
C GLU B 21 1.04 -7.35 -8.62
N TYR B 22 1.19 -6.40 -9.55
CA TYR B 22 0.02 -5.83 -10.19
C TYR B 22 -0.72 -6.85 -11.04
N ARG B 23 0.02 -7.76 -11.65
CA ARG B 23 -0.60 -8.78 -12.51
C ARG B 23 -1.73 -9.50 -11.80
N ALA B 24 -1.50 -9.92 -10.56
CA ALA B 24 -2.52 -10.61 -9.79
C ALA B 24 -3.81 -9.81 -9.73
N LEU B 25 -3.71 -8.49 -9.91
CA LEU B 25 -4.86 -7.60 -9.85
C LEU B 25 -5.56 -7.46 -11.20
N LEU B 26 -4.97 -8.03 -12.25
CA LEU B 26 -5.57 -7.95 -13.58
C LEU B 26 -6.47 -9.16 -13.83
N SER B 27 -7.54 -8.93 -14.58
CA SER B 27 -8.47 -10.02 -14.91
C SER B 27 -7.72 -10.96 -15.84
N PRO B 28 -7.97 -12.28 -15.73
CA PRO B 28 -7.31 -13.28 -16.57
C PRO B 28 -7.20 -12.89 -18.04
N GLU B 29 -8.20 -12.15 -18.51
CA GLU B 29 -8.27 -11.72 -19.90
C GLU B 29 -7.05 -10.88 -20.33
N GLN B 30 -6.65 -9.91 -19.51
CA GLN B 30 -5.51 -9.07 -19.86
C GLN B 30 -4.30 -9.32 -18.97
N ARG B 31 -4.38 -10.34 -18.12
CA ARG B 31 -3.27 -10.67 -17.22
C ARG B 31 -2.03 -11.17 -17.95
N ASN B 32 -2.13 -11.33 -19.26
CA ASN B 32 -1.01 -11.79 -20.05
C ASN B 32 -0.01 -10.65 -20.22
N LYS B 33 0.84 -10.45 -19.22
CA LYS B 33 1.83 -9.38 -19.25
C LYS B 33 3.22 -9.91 -18.98
N ASP B 34 4.17 -9.45 -19.78
CA ASP B 34 5.56 -9.88 -19.62
C ASP B 34 6.34 -8.73 -18.98
N CYS B 35 6.47 -8.80 -17.67
CA CYS B 35 7.17 -7.77 -16.89
C CYS B 35 8.59 -7.49 -17.38
N THR B 36 9.33 -8.54 -17.73
CA THR B 36 10.70 -8.36 -18.20
C THR B 36 10.73 -7.59 -19.52
N ALA B 37 9.76 -7.87 -20.39
CA ALA B 37 9.70 -7.18 -21.67
C ALA B 37 9.28 -5.73 -21.42
N ILE B 38 8.34 -5.54 -20.50
CA ILE B 38 7.87 -4.21 -20.18
C ILE B 38 9.07 -3.41 -19.66
N TRP B 39 9.93 -4.06 -18.88
CA TRP B 39 11.12 -3.40 -18.36
C TRP B 39 12.05 -3.01 -19.52
N GLU B 40 12.21 -3.92 -20.49
CA GLU B 40 13.06 -3.65 -21.65
C GLU B 40 12.53 -2.46 -22.47
N ALA B 41 11.21 -2.37 -22.60
CA ALA B 41 10.62 -1.25 -23.34
C ALA B 41 10.92 0.06 -22.62
N PHE B 42 10.84 0.02 -21.29
CA PHE B 42 11.10 1.17 -20.44
C PHE B 42 12.55 1.63 -20.58
N LYS B 43 13.48 0.66 -20.67
CA LYS B 43 14.90 0.98 -20.81
C LYS B 43 15.20 1.73 -22.10
N VAL B 44 14.41 1.46 -23.14
CA VAL B 44 14.61 2.11 -24.42
C VAL B 44 14.67 3.61 -24.25
N ALA B 45 13.76 4.14 -23.44
CA ALA B 45 13.73 5.58 -23.20
C ALA B 45 14.80 5.95 -22.19
N LEU B 46 15.15 4.99 -21.35
CA LEU B 46 16.15 5.19 -20.30
C LEU B 46 17.57 5.33 -20.83
N ASP B 47 17.96 4.47 -21.77
CA ASP B 47 19.30 4.48 -22.33
C ASP B 47 19.59 5.59 -23.35
N LYS B 48 18.94 6.73 -23.19
CA LYS B 48 19.13 7.87 -24.09
C LYS B 48 19.74 9.03 -23.32
N ASP B 49 20.08 10.10 -24.04
CA ASP B 49 20.63 11.29 -23.39
C ASP B 49 19.53 11.80 -22.45
N PRO B 50 19.87 12.01 -21.16
CA PRO B 50 18.92 12.48 -20.14
C PRO B 50 18.15 13.77 -20.44
N CYS B 51 18.50 14.45 -21.53
CA CYS B 51 17.78 15.67 -21.88
C CYS B 51 17.26 15.52 -23.30
N SER B 52 17.07 14.28 -23.73
CA SER B 52 16.58 14.03 -25.07
C SER B 52 15.48 12.97 -25.10
N VAL B 53 14.84 12.75 -23.96
CA VAL B 53 13.77 11.76 -23.90
C VAL B 53 12.42 12.44 -24.10
N LEU B 54 11.69 11.97 -25.10
CA LEU B 54 10.38 12.52 -25.43
C LEU B 54 9.30 11.54 -25.01
N PRO B 55 8.06 12.03 -24.83
CA PRO B 55 6.95 11.17 -24.42
C PRO B 55 6.79 9.97 -25.35
N SER B 56 6.95 10.19 -26.65
CA SER B 56 6.79 9.11 -27.62
C SER B 56 7.80 7.98 -27.45
N ASP B 57 8.91 8.27 -26.79
CA ASP B 57 9.92 7.23 -26.58
C ASP B 57 9.39 6.12 -25.69
N TYR B 58 8.29 6.38 -24.98
CA TYR B 58 7.68 5.38 -24.11
C TYR B 58 6.47 4.71 -24.76
N ASP B 59 6.30 4.90 -26.06
CA ASP B 59 5.16 4.31 -26.77
C ASP B 59 5.13 2.81 -26.61
N LEU B 60 6.29 2.20 -26.80
CA LEU B 60 6.41 0.75 -26.69
C LEU B 60 6.09 0.29 -25.27
N PHE B 61 6.64 0.99 -24.28
CA PHE B 61 6.38 0.66 -22.89
C PHE B 61 4.87 0.63 -22.64
N ILE B 62 4.18 1.67 -23.10
CA ILE B 62 2.73 1.75 -22.91
C ILE B 62 2.01 0.61 -23.61
N THR B 63 2.37 0.34 -24.85
CA THR B 63 1.74 -0.71 -25.62
C THR B 63 1.81 -2.06 -24.91
N LEU B 64 2.98 -2.39 -24.36
CA LEU B 64 3.13 -3.66 -23.64
C LEU B 64 2.48 -3.68 -22.26
N SER B 65 2.20 -2.52 -21.69
CA SER B 65 1.61 -2.51 -20.35
C SER B 65 0.16 -2.04 -20.31
N ARG B 66 -0.29 -1.46 -21.41
CA ARG B 66 -1.64 -0.94 -21.50
C ARG B 66 -2.72 -1.97 -21.17
N HIS B 67 -3.74 -1.54 -20.46
CA HIS B 67 -4.87 -2.39 -20.12
C HIS B 67 -6.06 -1.47 -19.86
N SER B 68 -7.26 -2.03 -19.91
CA SER B 68 -8.46 -1.22 -19.73
C SER B 68 -8.67 -0.76 -18.29
N ILE B 69 -9.39 0.36 -18.16
CA ILE B 69 -9.71 0.95 -16.88
C ILE B 69 -11.21 0.85 -16.73
N PRO B 70 -11.70 0.32 -15.59
CA PRO B 70 -13.13 0.18 -15.35
C PRO B 70 -13.89 1.49 -15.50
N ARG B 71 -15.07 1.41 -16.11
CA ARG B 71 -15.93 2.57 -16.30
C ARG B 71 -16.25 3.16 -14.93
N ASP B 72 -16.26 4.49 -14.83
CA ASP B 72 -16.54 5.20 -13.58
C ASP B 72 -15.49 5.07 -12.49
N LYS B 73 -14.37 4.41 -12.77
CA LYS B 73 -13.33 4.25 -11.77
C LYS B 73 -12.10 5.16 -11.88
N SER B 74 -12.05 6.01 -12.91
CA SER B 74 -10.90 6.90 -13.06
C SER B 74 -10.91 8.01 -12.01
N LEU B 75 -9.72 8.33 -11.50
CA LEU B 75 -9.58 9.37 -10.48
C LEU B 75 -8.35 10.21 -10.76
N PHE B 76 -8.57 11.43 -11.26
CA PHE B 76 -7.49 12.36 -11.56
C PHE B 76 -7.23 13.20 -10.33
N TRP B 77 -6.11 13.95 -10.31
CA TRP B 77 -5.82 14.75 -9.13
C TRP B 77 -4.67 15.75 -9.27
N GLU B 78 -4.58 16.66 -8.30
CA GLU B 78 -3.52 17.66 -8.24
C GLU B 78 -3.23 17.92 -6.76
N ASN B 79 -1.97 17.97 -6.40
CA ASN B 79 -1.58 18.26 -5.03
C ASN B 79 -2.12 17.37 -3.93
N SER B 80 -2.35 16.09 -4.21
CA SER B 80 -2.84 15.16 -3.18
C SER B 80 -2.46 13.73 -3.47
N HIS B 81 -1.23 13.55 -3.94
CA HIS B 81 -0.69 12.25 -4.31
C HIS B 81 -0.87 11.16 -3.24
N LEU B 82 -0.34 11.38 -2.04
CA LEU B 82 -0.45 10.38 -0.97
C LEU B 82 -1.88 10.11 -0.52
N LEU B 83 -2.73 11.13 -0.51
CA LEU B 83 -4.12 10.95 -0.10
C LEU B 83 -4.88 10.14 -1.17
N VAL B 84 -4.55 10.40 -2.43
CA VAL B 84 -5.18 9.68 -3.53
C VAL B 84 -4.79 8.19 -3.50
N ASN B 85 -3.52 7.91 -3.23
CA ASN B 85 -3.05 6.52 -3.18
C ASN B 85 -3.73 5.77 -2.04
N SER B 86 -3.87 6.43 -0.88
CA SER B 86 -4.51 5.82 0.28
C SER B 86 -6.00 5.62 0.06
N PHE B 87 -6.65 6.62 -0.54
CA PHE B 87 -8.08 6.50 -0.78
C PHE B 87 -8.35 5.39 -1.79
N ALA B 88 -7.63 5.41 -2.91
CA ALA B 88 -7.78 4.41 -3.96
C ALA B 88 -7.64 3.02 -3.38
N ASP B 89 -6.73 2.88 -2.43
CA ASP B 89 -6.51 1.62 -1.76
C ASP B 89 -6.22 0.44 -2.72
N ASN B 90 -5.14 0.56 -3.49
CA ASN B 90 -4.69 -0.49 -4.40
C ASN B 90 -5.78 -1.04 -5.35
N THR B 91 -6.54 -0.12 -5.96
CA THR B 91 -7.62 -0.40 -6.90
C THR B 91 -8.99 -0.81 -6.31
N ARG B 92 -9.09 -0.93 -4.98
CA ARG B 92 -10.35 -1.33 -4.36
C ARG B 92 -11.49 -0.30 -4.53
N ARG B 93 -11.20 0.98 -4.33
CA ARG B 93 -12.21 2.03 -4.45
C ARG B 93 -12.24 2.71 -5.82
N PHE B 94 -11.07 3.13 -6.28
CA PHE B 94 -10.93 3.79 -7.58
C PHE B 94 -9.61 3.35 -8.17
N MET B 95 -9.40 3.66 -9.44
CA MET B 95 -8.16 3.27 -10.09
C MET B 95 -7.41 4.48 -10.66
N PRO B 96 -6.70 5.23 -9.79
CA PRO B 96 -5.94 6.39 -10.26
C PRO B 96 -4.77 5.89 -11.10
N LEU B 97 -4.00 6.79 -11.70
CA LEU B 97 -2.88 6.39 -12.54
C LEU B 97 -1.86 5.50 -11.83
N SER B 98 -1.65 5.76 -10.55
CA SER B 98 -0.70 4.98 -9.76
C SER B 98 -1.22 3.57 -9.51
N ASP B 99 -2.49 3.34 -9.81
CA ASP B 99 -3.10 2.03 -9.63
C ASP B 99 -3.46 1.38 -10.97
N VAL B 100 -2.73 1.77 -12.00
CA VAL B 100 -2.88 1.23 -13.34
C VAL B 100 -1.47 0.70 -13.59
N LEU B 101 -1.34 -0.44 -14.26
CA LEU B 101 -0.02 -1.03 -14.46
C LEU B 101 1.12 -0.10 -14.83
N TYR B 102 0.98 0.66 -15.91
CA TYR B 102 2.09 1.53 -16.33
C TYR B 102 2.41 2.67 -15.37
N GLY B 103 1.46 3.01 -14.51
CA GLY B 103 1.70 4.06 -13.54
C GLY B 103 2.27 3.46 -12.26
N ARG B 104 1.75 2.30 -11.87
CA ARG B 104 2.19 1.61 -10.66
C ARG B 104 3.68 1.34 -10.60
N VAL B 105 4.26 0.92 -11.71
CA VAL B 105 5.67 0.59 -11.71
C VAL B 105 6.63 1.76 -11.53
N ALA B 106 6.16 2.98 -11.76
CA ALA B 106 7.01 4.16 -11.66
C ALA B 106 6.67 5.12 -10.52
N ASP B 107 5.53 4.89 -9.86
CA ASP B 107 5.08 5.74 -8.78
C ASP B 107 6.17 6.08 -7.76
N PHE B 108 6.39 7.39 -7.57
CA PHE B 108 7.40 7.91 -6.65
C PHE B 108 8.85 7.66 -7.03
N LEU B 109 9.09 6.84 -8.06
CA LEU B 109 10.47 6.57 -8.45
C LEU B 109 11.12 7.69 -9.25
N SER B 110 12.42 7.58 -9.45
CA SER B 110 13.16 8.57 -10.20
C SER B 110 14.20 7.86 -11.06
N TRP B 111 14.47 8.37 -12.26
CA TRP B 111 15.44 7.72 -13.15
C TRP B 111 15.99 8.62 -14.23
N CYS B 112 17.20 8.30 -14.67
CA CYS B 112 17.88 9.02 -15.74
C CYS B 112 19.25 8.40 -15.98
N ARG B 113 19.74 8.49 -17.20
CA ARG B 113 21.05 7.93 -17.52
C ARG B 113 22.06 9.06 -17.33
N GLN B 114 23.32 8.70 -17.10
CA GLN B 114 24.35 9.70 -16.90
C GLN B 114 24.51 10.57 -18.14
N LYS B 115 24.85 11.84 -17.90
CA LYS B 115 25.03 12.80 -18.97
C LYS B 115 25.94 12.23 -20.06
N ALA B 116 27.08 11.67 -19.66
CA ALA B 116 28.02 11.10 -20.61
C ALA B 116 27.97 9.57 -20.64
N ASP B 117 28.56 8.94 -19.62
CA ASP B 117 28.61 7.48 -19.52
C ASP B 117 27.25 6.80 -19.71
N SER B 118 27.26 5.49 -19.91
CA SER B 118 26.04 4.71 -20.12
C SER B 118 25.39 4.15 -18.85
N GLY B 119 25.91 4.55 -17.70
CA GLY B 119 25.35 4.07 -16.45
C GLY B 119 24.25 5.00 -15.96
N LEU B 120 23.36 4.49 -15.11
CA LEU B 120 22.30 5.32 -14.58
C LEU B 120 22.90 6.33 -13.60
N ASP B 121 22.32 7.53 -13.57
CA ASP B 121 22.84 8.57 -12.69
C ASP B 121 22.15 8.53 -11.32
N TYR B 122 22.79 7.88 -10.35
CA TYR B 122 22.25 7.77 -9.00
C TYR B 122 22.50 9.01 -8.15
N GLN B 123 23.20 10.00 -8.71
CA GLN B 123 23.50 11.23 -7.99
C GLN B 123 22.38 12.25 -8.13
N SER B 124 21.96 12.50 -9.36
CA SER B 124 20.88 13.45 -9.61
C SER B 124 20.28 13.26 -11.00
N CYS B 125 19.13 13.90 -11.22
CA CYS B 125 18.41 13.84 -12.49
C CYS B 125 17.85 15.23 -12.77
N PRO B 126 17.77 15.63 -14.05
CA PRO B 126 17.25 16.95 -14.40
C PRO B 126 15.79 17.20 -14.06
N THR B 127 15.46 18.47 -13.80
CA THR B 127 14.09 18.87 -13.52
C THR B 127 13.63 19.56 -14.79
N SER B 128 12.41 20.09 -14.79
CA SER B 128 11.91 20.76 -15.97
C SER B 128 12.78 21.99 -16.26
N GLU B 129 13.41 22.52 -15.22
CA GLU B 129 14.27 23.68 -15.34
C GLU B 129 15.58 23.36 -16.06
N ASP B 130 16.22 22.26 -15.65
CA ASP B 130 17.47 21.85 -16.28
C ASP B 130 17.22 21.64 -17.77
N CYS B 131 16.15 20.92 -18.08
CA CYS B 131 15.77 20.68 -19.45
C CYS B 131 14.38 20.06 -19.49
N GLU B 132 13.56 20.49 -20.44
CA GLU B 132 12.20 20.01 -20.56
C GLU B 132 12.08 18.51 -20.80
N ASN B 133 12.77 18.02 -21.83
CA ASN B 133 12.70 16.62 -22.17
C ASN B 133 13.54 15.67 -21.33
N ASN B 134 13.23 15.56 -20.05
CA ASN B 134 13.95 14.65 -19.16
C ASN B 134 13.14 13.34 -19.09
N PRO B 135 13.79 12.23 -18.73
CA PRO B 135 13.11 10.93 -18.64
C PRO B 135 11.84 10.85 -17.81
N VAL B 136 11.86 11.41 -16.59
CA VAL B 136 10.70 11.35 -15.72
C VAL B 136 9.48 12.16 -16.18
N ASP B 137 9.70 13.41 -16.58
CA ASP B 137 8.58 14.24 -17.04
C ASP B 137 7.99 13.72 -18.34
N SER B 138 8.83 13.18 -19.22
CA SER B 138 8.32 12.66 -20.48
C SER B 138 7.50 11.41 -20.24
N PHE B 139 7.92 10.61 -19.25
CA PHE B 139 7.22 9.39 -18.88
C PHE B 139 5.80 9.71 -18.42
N TRP B 140 5.68 10.63 -17.46
CA TRP B 140 4.38 10.98 -16.93
C TRP B 140 3.46 11.70 -17.91
N LYS B 141 4.04 12.40 -18.89
CA LYS B 141 3.22 13.06 -19.89
C LYS B 141 2.58 11.95 -20.72
N ARG B 142 3.40 11.02 -21.18
CA ARG B 142 2.93 9.90 -22.00
C ARG B 142 1.89 9.06 -21.26
N ALA B 143 2.19 8.73 -19.99
CA ALA B 143 1.28 7.94 -19.17
C ALA B 143 -0.02 8.68 -18.87
N SER B 144 0.06 9.99 -18.63
CA SER B 144 -1.14 10.79 -18.37
C SER B 144 -2.05 10.77 -19.60
N ILE B 145 -1.45 10.96 -20.76
CA ILE B 145 -2.20 10.96 -22.01
C ILE B 145 -2.98 9.66 -22.15
N GLN B 146 -2.32 8.53 -21.98
CA GLN B 146 -2.99 7.24 -22.11
C GLN B 146 -4.07 7.01 -21.06
N TYR B 147 -3.77 7.32 -19.81
CA TYR B 147 -4.74 7.14 -18.73
C TYR B 147 -6.00 7.93 -19.06
N SER B 148 -5.81 9.16 -19.55
CA SER B 148 -6.92 10.02 -19.90
C SER B 148 -7.76 9.48 -21.08
N LYS B 149 -7.10 9.02 -22.14
CA LYS B 149 -7.79 8.47 -23.30
C LYS B 149 -8.57 7.19 -22.99
N ASP B 150 -8.11 6.43 -22.00
CA ASP B 150 -8.77 5.17 -21.66
C ASP B 150 -9.81 5.25 -20.55
N SER B 151 -10.09 6.46 -20.05
CA SER B 151 -11.09 6.63 -18.97
C SER B 151 -12.49 6.81 -19.56
N SER B 152 -13.52 6.41 -18.82
CA SER B 152 -14.89 6.53 -19.28
C SER B 152 -15.89 6.58 -18.14
N GLY B 153 -17.12 6.94 -18.47
CA GLY B 153 -18.16 7.04 -17.46
C GLY B 153 -18.02 8.31 -16.67
N VAL B 154 -18.24 8.22 -15.36
CA VAL B 154 -18.11 9.36 -14.49
C VAL B 154 -16.63 9.55 -14.18
N ILE B 155 -16.10 10.73 -14.48
CA ILE B 155 -14.70 11.04 -14.22
C ILE B 155 -14.62 11.75 -12.86
N HIS B 156 -13.75 11.30 -11.98
CA HIS B 156 -13.61 11.97 -10.69
C HIS B 156 -12.26 12.68 -10.63
N VAL B 157 -12.21 13.79 -9.90
CA VAL B 157 -10.98 14.57 -9.78
C VAL B 157 -10.83 15.08 -8.35
N MET B 158 -9.72 14.75 -7.71
CA MET B 158 -9.47 15.21 -6.35
C MET B 158 -8.51 16.40 -6.38
N LEU B 159 -8.97 17.54 -5.88
CA LEU B 159 -8.14 18.75 -5.85
C LEU B 159 -7.92 19.19 -4.41
N ASN B 160 -6.76 19.80 -4.17
CA ASN B 160 -6.40 20.29 -2.83
C ASN B 160 -6.83 21.75 -2.69
N GLY B 161 -7.90 21.97 -1.93
CA GLY B 161 -8.41 23.31 -1.73
C GLY B 161 -7.65 24.13 -0.69
N SER B 162 -6.55 23.56 -0.18
CA SER B 162 -5.73 24.26 0.79
C SER B 162 -4.41 24.69 0.14
N GLU B 163 -4.29 24.49 -1.16
CA GLU B 163 -3.09 24.87 -1.90
C GLU B 163 -3.08 26.40 -1.99
N PRO B 164 -1.98 27.03 -1.54
CA PRO B 164 -1.86 28.51 -1.57
C PRO B 164 -2.16 29.12 -2.93
N THR B 165 -1.57 28.58 -3.99
CA THR B 165 -1.78 29.10 -5.33
C THR B 165 -3.11 28.72 -5.95
N GLY B 166 -3.93 27.96 -5.21
CA GLY B 166 -5.23 27.57 -5.74
C GLY B 166 -5.42 26.09 -6.05
N ALA B 167 -6.67 25.64 -5.98
CA ALA B 167 -7.03 24.25 -6.24
C ALA B 167 -6.71 23.74 -7.64
N TYR B 168 -6.97 24.54 -8.66
CA TYR B 168 -6.73 24.13 -10.05
C TYR B 168 -5.53 24.81 -10.72
N PRO B 169 -4.40 24.09 -10.84
CA PRO B 169 -3.19 24.63 -11.47
C PRO B 169 -3.42 24.69 -12.97
N ILE B 170 -3.46 25.88 -13.56
CA ILE B 170 -3.69 25.96 -14.99
C ILE B 170 -2.48 25.49 -15.79
N LYS B 171 -1.39 25.13 -15.12
CA LYS B 171 -0.20 24.65 -15.82
C LYS B 171 0.23 23.23 -15.39
N GLY B 172 -0.64 22.52 -14.67
CA GLY B 172 -0.29 21.17 -14.24
C GLY B 172 -0.59 20.10 -15.28
N PHE B 173 -0.27 18.84 -14.95
CA PHE B 173 -0.52 17.72 -15.87
C PHE B 173 -2.00 17.53 -16.18
N PHE B 174 -2.86 17.84 -15.23
CA PHE B 174 -4.28 17.67 -15.43
C PHE B 174 -4.79 18.60 -16.52
N ALA B 175 -4.41 19.87 -16.44
CA ALA B 175 -4.84 20.87 -17.40
C ALA B 175 -4.14 20.73 -18.75
N ASP B 176 -2.85 20.43 -18.73
CA ASP B 176 -2.10 20.32 -19.97
C ASP B 176 -2.10 18.98 -20.68
N TYR B 177 -2.22 17.87 -19.95
CA TYR B 177 -2.18 16.57 -20.60
C TYR B 177 -3.37 15.64 -20.42
N GLU B 178 -4.22 15.90 -19.45
CA GLU B 178 -5.35 15.00 -19.24
C GLU B 178 -6.68 15.52 -19.77
N ILE B 179 -7.06 16.73 -19.37
CA ILE B 179 -8.31 17.31 -19.85
C ILE B 179 -8.44 17.29 -21.38
N PRO B 180 -7.38 17.67 -22.11
CA PRO B 180 -7.38 17.69 -23.58
C PRO B 180 -7.50 16.30 -24.20
N ASN B 181 -7.21 15.27 -23.41
CA ASN B 181 -7.27 13.93 -23.94
C ASN B 181 -8.47 13.12 -23.46
N LEU B 182 -9.40 13.78 -22.77
CA LEU B 182 -10.61 13.10 -22.30
C LEU B 182 -11.54 12.90 -23.51
N GLN B 183 -12.16 11.73 -23.61
CA GLN B 183 -13.06 11.42 -24.71
C GLN B 183 -14.50 11.68 -24.29
N LYS B 184 -15.05 12.82 -24.68
CA LYS B 184 -16.41 13.18 -24.31
C LYS B 184 -17.43 12.14 -24.75
N GLU B 185 -17.17 11.50 -25.89
CA GLU B 185 -18.06 10.47 -26.42
C GLU B 185 -18.34 9.34 -25.42
N LYS B 186 -17.35 9.01 -24.59
CA LYS B 186 -17.54 7.93 -23.63
C LYS B 186 -17.57 8.39 -22.18
N ILE B 187 -17.75 9.69 -21.98
CA ILE B 187 -17.82 10.25 -20.64
C ILE B 187 -19.24 10.73 -20.37
N THR B 188 -19.74 10.48 -19.17
CA THR B 188 -21.08 10.90 -18.82
C THR B 188 -21.08 12.23 -18.07
N ARG B 189 -20.09 12.41 -17.21
CA ARG B 189 -19.99 13.63 -16.42
C ARG B 189 -18.65 13.69 -15.69
N ILE B 190 -18.30 14.86 -15.19
CA ILE B 190 -17.06 15.05 -14.46
C ILE B 190 -17.44 15.57 -13.08
N GLU B 191 -16.90 14.95 -12.05
CA GLU B 191 -17.18 15.31 -10.66
C GLU B 191 -15.89 15.65 -9.93
N ILE B 192 -15.83 16.86 -9.37
CA ILE B 192 -14.63 17.32 -8.68
C ILE B 192 -14.82 17.25 -7.17
N TRP B 193 -13.76 16.91 -6.45
CA TRP B 193 -13.82 16.89 -5.00
C TRP B 193 -12.76 17.86 -4.49
N VAL B 194 -13.19 19.01 -3.97
CA VAL B 194 -12.24 19.99 -3.45
C VAL B 194 -12.03 19.73 -1.95
N MET B 195 -10.88 19.14 -1.63
CA MET B 195 -10.55 18.78 -0.24
C MET B 195 -9.68 19.80 0.50
N HIS B 196 -10.03 20.05 1.76
CA HIS B 196 -9.27 20.97 2.58
C HIS B 196 -8.66 20.21 3.73
N GLU B 197 -7.49 20.66 4.19
CA GLU B 197 -6.80 20.03 5.30
C GLU B 197 -7.65 20.21 6.55
N ILE B 198 -7.59 19.24 7.46
CA ILE B 198 -8.36 19.34 8.69
C ILE B 198 -7.92 20.60 9.41
N GLY B 199 -8.88 21.47 9.73
CA GLY B 199 -8.56 22.72 10.40
C GLY B 199 -7.85 23.62 9.41
N GLY B 200 -7.04 23.00 8.53
CA GLY B 200 -6.28 23.71 7.51
C GLY B 200 -7.09 24.78 6.83
N PRO B 201 -6.42 25.69 6.10
CA PRO B 201 -7.04 26.80 5.38
C PRO B 201 -7.94 26.47 4.21
N ASN B 202 -8.98 27.29 4.06
CA ASN B 202 -9.94 27.17 2.98
C ASN B 202 -9.50 28.17 1.90
N VAL B 203 -8.38 27.91 1.25
CA VAL B 203 -7.90 28.81 0.22
C VAL B 203 -8.94 28.95 -0.87
N GLU B 204 -9.42 27.83 -1.37
CA GLU B 204 -10.45 27.82 -2.40
C GLU B 204 -11.44 26.69 -2.21
N SER B 205 -12.71 26.97 -2.51
CA SER B 205 -13.77 25.99 -2.41
C SER B 205 -14.49 26.00 -3.75
N CYS B 206 -15.41 25.07 -3.96
CA CYS B 206 -16.11 25.02 -5.23
C CYS B 206 -16.58 26.42 -5.65
N GLY B 207 -16.46 26.70 -6.95
CA GLY B 207 -16.88 27.98 -7.49
C GLY B 207 -16.04 29.21 -7.16
N GLU B 208 -14.86 29.02 -6.58
CA GLU B 208 -14.00 30.16 -6.24
C GLU B 208 -12.65 30.11 -6.95
N GLY B 209 -12.15 31.29 -7.31
CA GLY B 209 -10.86 31.39 -7.98
C GLY B 209 -10.61 30.45 -9.14
N SER B 210 -9.48 29.77 -9.10
CA SER B 210 -9.10 28.85 -10.17
C SER B 210 -10.19 27.82 -10.46
N MET B 211 -11.04 27.55 -9.46
CA MET B 211 -12.12 26.60 -9.63
C MET B 211 -13.10 27.10 -10.68
N LYS B 212 -13.29 28.41 -10.74
CA LYS B 212 -14.18 29.02 -11.72
C LYS B 212 -13.61 28.82 -13.11
N VAL B 213 -12.28 28.81 -13.20
CA VAL B 213 -11.60 28.59 -14.46
C VAL B 213 -11.84 27.14 -14.93
N LEU B 214 -11.61 26.18 -14.03
CA LEU B 214 -11.80 24.77 -14.35
C LEU B 214 -13.21 24.48 -14.83
N GLU B 215 -14.19 24.94 -14.06
CA GLU B 215 -15.59 24.76 -14.39
C GLU B 215 -15.96 25.35 -15.73
N LYS B 216 -15.48 26.56 -16.00
CA LYS B 216 -15.78 27.20 -17.27
C LYS B 216 -15.10 26.44 -18.41
N ARG B 217 -13.88 25.97 -18.20
CA ARG B 217 -13.22 25.23 -19.26
C ARG B 217 -13.96 23.92 -19.56
N LEU B 218 -14.35 23.19 -18.52
CA LEU B 218 -15.05 21.94 -18.75
C LEU B 218 -16.41 22.17 -19.40
N LYS B 219 -17.13 23.18 -18.96
CA LYS B 219 -18.42 23.46 -19.55
C LYS B 219 -18.27 23.96 -20.98
N ASP B 220 -17.24 24.77 -21.25
CA ASP B 220 -17.02 25.23 -22.62
C ASP B 220 -16.73 24.05 -23.54
N MET B 221 -16.16 22.99 -22.98
CA MET B 221 -15.87 21.79 -23.76
C MET B 221 -17.11 20.92 -23.95
N GLY B 222 -18.17 21.24 -23.22
CA GLY B 222 -19.41 20.48 -23.36
C GLY B 222 -19.67 19.40 -22.32
N PHE B 223 -18.85 19.34 -21.27
CA PHE B 223 -19.03 18.33 -20.23
C PHE B 223 -20.06 18.70 -19.19
N GLN B 224 -20.72 17.70 -18.61
CA GLN B 224 -21.66 17.93 -17.53
C GLN B 224 -20.69 18.06 -16.36
N TYR B 225 -20.94 18.98 -15.45
CA TYR B 225 -20.00 19.22 -14.35
C TYR B 225 -20.68 19.36 -13.00
N SER B 226 -19.98 18.94 -11.95
CA SER B 226 -20.48 19.06 -10.58
C SER B 226 -19.23 19.11 -9.70
N CYS B 227 -19.32 19.80 -8.56
CA CYS B 227 -18.19 19.96 -7.67
C CYS B 227 -18.70 19.72 -6.26
N ILE B 228 -17.87 19.09 -5.43
CA ILE B 228 -18.24 18.77 -4.06
C ILE B 228 -17.13 19.19 -3.11
N ASN B 229 -17.48 19.94 -2.07
CA ASN B 229 -16.49 20.36 -1.08
C ASN B 229 -16.30 19.24 -0.07
N ASP B 230 -15.05 18.89 0.18
CA ASP B 230 -14.71 17.87 1.15
C ASP B 230 -15.54 16.58 1.10
N TYR B 231 -15.53 15.93 -0.06
CA TYR B 231 -16.23 14.66 -0.29
C TYR B 231 -16.07 13.80 0.97
N ARG B 232 -17.20 13.43 1.57
CA ARG B 232 -17.24 12.69 2.83
C ARG B 232 -16.31 11.48 2.99
N PRO B 233 -16.32 10.54 2.03
CA PRO B 233 -15.44 9.37 2.16
C PRO B 233 -13.97 9.76 2.35
N VAL B 234 -13.52 10.77 1.62
CA VAL B 234 -12.13 11.21 1.71
C VAL B 234 -11.91 12.01 3.00
N LYS B 235 -12.94 12.75 3.42
CA LYS B 235 -12.85 13.53 4.65
C LYS B 235 -12.62 12.56 5.82
N LEU B 236 -13.36 11.46 5.83
CA LEU B 236 -13.21 10.47 6.89
C LEU B 236 -11.77 9.94 6.91
N LEU B 237 -11.23 9.64 5.73
CA LEU B 237 -9.86 9.15 5.65
C LEU B 237 -8.89 10.17 6.25
N GLN B 238 -9.08 11.44 5.93
CA GLN B 238 -8.22 12.50 6.47
C GLN B 238 -8.35 12.52 7.99
N CYS B 239 -9.55 12.26 8.46
CA CYS B 239 -9.87 12.28 9.89
C CYS B 239 -9.15 11.23 10.72
N VAL B 240 -8.81 10.10 10.11
CA VAL B 240 -8.10 9.05 10.83
C VAL B 240 -6.92 9.62 11.62
N ASP B 241 -6.32 10.69 11.11
CA ASP B 241 -5.16 11.32 11.76
C ASP B 241 -5.49 12.55 12.60
N HIS B 242 -6.78 12.79 12.83
CA HIS B 242 -7.22 13.94 13.61
C HIS B 242 -8.52 13.54 14.29
N SER B 243 -8.51 12.36 14.93
CA SER B 243 -9.69 11.83 15.57
C SER B 243 -10.34 12.72 16.65
N THR B 244 -9.57 13.60 17.28
CA THR B 244 -10.11 14.47 18.33
C THR B 244 -10.42 15.90 17.89
N HIS B 245 -10.27 16.19 16.59
CA HIS B 245 -10.54 17.52 16.08
C HIS B 245 -12.06 17.62 15.84
N PRO B 246 -12.66 18.78 16.15
CA PRO B 246 -14.11 18.97 15.96
C PRO B 246 -14.61 18.70 14.54
N ASP B 247 -13.76 18.93 13.55
CA ASP B 247 -14.14 18.67 12.16
C ASP B 247 -14.38 17.16 12.00
N CYS B 248 -13.74 16.38 12.86
CA CYS B 248 -13.82 14.93 12.79
C CYS B 248 -14.68 14.22 13.82
N ALA B 249 -15.31 14.96 14.72
CA ALA B 249 -16.16 14.38 15.76
C ALA B 249 -17.37 13.66 15.15
N LEU B 250 -17.67 12.47 15.66
CA LEU B 250 -18.79 11.67 15.17
C LEU B 250 -20.10 11.98 15.87
N LYS B 251 -21.20 11.69 15.18
CA LYS B 251 -22.55 11.93 15.70
C LYS B 251 -22.78 11.19 17.02
C1 NAG C . -14.04 -9.28 11.04
C2 NAG C . -13.45 -9.03 9.64
C3 NAG C . -14.55 -9.06 8.57
C4 NAG C . -15.43 -10.31 8.70
C5 NAG C . -15.93 -10.44 10.15
C6 NAG C . -16.72 -11.70 10.36
C7 NAG C . -11.55 -7.60 9.24
C8 NAG C . -10.97 -6.20 9.25
N2 NAG C . -12.82 -7.73 9.62
O3 NAG C . -13.94 -9.03 7.28
O4 NAG C . -16.54 -10.21 7.80
O5 NAG C . -14.81 -10.47 11.06
O6 NAG C . -15.93 -12.85 10.07
O7 NAG C . -10.86 -8.57 8.87
C1 NAG C . -16.85 -11.33 7.04
C2 NAG C . -18.30 -11.23 6.54
C3 NAG C . -18.62 -12.40 5.60
C4 NAG C . -17.56 -12.55 4.51
C5 NAG C . -16.14 -12.55 5.11
C6 NAG C . -15.08 -12.50 4.04
C7 NAG C . -19.62 -10.15 8.23
C8 NAG C . -20.57 -10.27 9.42
N2 NAG C . -19.21 -11.27 7.67
O3 NAG C . -19.88 -12.16 5.00
O4 NAG C . -17.77 -13.77 3.82
O5 NAG C . -15.95 -11.37 5.93
O6 NAG C . -14.83 -11.17 3.62
O7 NAG C . -19.30 -9.03 7.83
C1 NAG D . -2.67 20.22 0.39
C2 NAG D . -1.82 19.06 0.88
C3 NAG D . -1.11 19.44 2.19
C4 NAG D . -0.40 20.79 2.10
C5 NAG D . -1.34 21.85 1.53
C6 NAG D . -0.65 23.17 1.27
C7 NAG D . -2.40 16.74 0.55
C8 NAG D . -3.37 15.60 0.86
N2 NAG D . -2.67 17.91 1.11
O3 NAG D . -0.17 18.42 2.53
O4 NAG D . -0.01 21.18 3.43
O5 NAG D . -1.88 21.40 0.26
O6 NAG D . 0.47 23.01 0.40
O7 NAG D . -1.43 16.55 -0.19
C1 NAG D . 1.29 21.59 3.65
C2 NAG D . 1.35 22.30 5.02
C3 NAG D . 2.80 22.53 5.49
C4 NAG D . 3.64 21.27 5.33
C5 NAG D . 3.51 20.72 3.91
C6 NAG D . 4.29 19.44 3.69
C7 NAG D . -0.59 23.70 5.34
C8 NAG D . -1.21 25.07 5.21
N2 NAG D . 0.68 23.58 4.92
O3 NAG D . 2.79 22.94 6.85
O4 NAG D . 5.00 21.55 5.62
O5 NAG D . 2.12 20.43 3.63
O6 NAG D . 3.88 18.41 4.58
O7 NAG D . -1.24 22.77 5.80
O3P NMN E . -4.04 -14.35 11.38
P NMN E . -2.88 -14.87 12.30
O1P NMN E . -2.00 -15.80 11.45
O2P NMN E . -3.45 -15.68 13.46
O5R NMN E . -1.97 -13.65 12.90
C5R NMN E . -1.80 -13.33 14.39
C4R NMN E . -0.41 -12.73 14.87
O4R NMN E . 0.63 -13.47 14.15
C3R NMN E . -0.21 -11.20 14.53
O3R NMN E . -0.09 -10.40 15.63
C2R NMN E . 1.05 -11.13 13.61
O2R NMN E . 2.06 -10.41 14.12
C1R NMN E . 1.47 -12.63 13.31
N1 NMN E . 1.24 -13.05 11.80
C2 NMN E . 1.35 -12.08 10.77
C3 NMN E . 1.15 -12.45 9.36
C7 NMN E . 1.24 -11.50 8.32
O7 NMN E . 1.55 -10.24 8.55
N7 NMN E . 1.06 -11.85 7.02
C4 NMN E . 0.81 -13.84 9.07
C5 NMN E . 0.70 -14.84 10.12
C6 NMN E . 0.92 -14.40 11.48
O3P NMN F . 0.92 17.27 -10.05
P NMN F . 0.89 15.90 -10.76
O1P NMN F . 1.77 14.92 -9.97
O2P NMN F . 1.48 16.09 -12.15
O5R NMN F . -0.63 15.29 -10.92
C5R NMN F . -1.59 15.73 -12.03
C4R NMN F . -2.27 14.59 -12.95
O4R NMN F . -1.17 13.96 -13.70
C3R NMN F . -3.00 13.46 -12.17
O3R NMN F . -4.35 13.39 -12.44
C2R NMN F . -2.29 12.15 -12.52
O2R NMN F . -3.08 11.20 -13.04
C1R NMN F . -1.07 12.52 -13.47
N1 NMN F . 0.35 12.21 -12.82
C2 NMN F . 0.43 11.14 -11.90
C3 NMN F . 1.70 10.82 -11.25
C7 NMN F . 1.78 9.76 -10.36
O7 NMN F . 0.70 9.03 -10.09
N7 NMN F . 2.93 9.43 -9.73
C4 NMN F . 2.87 11.64 -11.58
C5 NMN F . 2.77 12.75 -12.54
C6 NMN F . 1.49 12.99 -13.13
#